data_1BZ7
#
_entry.id   1BZ7
#
_cell.length_a   146.800
_cell.length_b   56.000
_cell.length_c   80.000
_cell.angle_alpha   90.00
_cell.angle_beta   119.20
_cell.angle_gamma   90.00
#
_symmetry.space_group_name_H-M   'C 1 2 1'
#
loop_
_entity.id
_entity.type
_entity.pdbx_description
1 polymer 'PROTEIN (ANTIBODY R24 (LIGHT CHAIN))'
2 polymer 'PROTEIN (ANTIBODY R24 (HEAVY CHAIN))'
3 water water
#
loop_
_entity_poly.entity_id
_entity_poly.type
_entity_poly.pdbx_seq_one_letter_code
_entity_poly.pdbx_strand_id
1 'polypeptide(L)'
;DIQMTQITSSLSVSLGDRVIISCRASQDIGNFLNWYQQKPDGSLKLLIYYTSRLQSGVPSRFSGWGSGTDYSLTISNLEE
EDIATFFCQQGKTLPYTFGGGTKLEIKRTVAAPSVFIFPPSDEQLKSGTASVVCLLNNFYPREAKVQWKVDNALQSGNSQ
ESVTEQDSKDSTYSLSSTLTLSKADYEKHKVYACEVTHQGLSSPVT
;
A
2 'polypeptide(L)'
;DVQLVESGGGLVQPGGSRKLSCAASGFTFSNFGMHWVRQAPEKGLEWVAYISSGGSSINYADTVKGRFTISRDNPKNTLF
LQMTSLRSEDTAIYYCTRGGTGTRSLYYFDYWGQGATLIVSSASTKGPSVFPLAPSSKSTSGGTAALGCLVKDYFPEPVT
VSWNSGALTSGVHTFPAVLQSGLYSLSSVVTVPSSSLGTQTYICNVNHKPSNTKVDK
;
B
#
# COMPACT_ATOMS: atom_id res chain seq x y z
N ASP A 1 -19.39 16.32 2.21
CA ASP A 1 -18.28 16.35 3.21
C ASP A 1 -18.70 16.27 4.70
N ILE A 2 -19.16 15.05 4.73
CA ILE A 2 -19.65 14.45 5.89
C ILE A 2 -18.38 13.57 6.02
N GLN A 3 -17.82 13.58 7.22
CA GLN A 3 -16.66 12.80 7.54
C GLN A 3 -17.15 11.38 7.62
N MET A 4 -16.60 10.37 6.96
CA MET A 4 -17.09 9.04 7.07
C MET A 4 -16.20 8.31 8.05
N THR A 5 -16.64 7.57 9.04
CA THR A 5 -15.74 6.93 9.99
C THR A 5 -15.90 5.40 9.91
N GLN A 6 -14.80 4.71 9.77
CA GLN A 6 -14.82 3.30 9.72
C GLN A 6 -13.94 3.10 10.93
N ILE A 7 -14.59 2.74 12.01
CA ILE A 7 -13.96 2.65 13.32
C ILE A 7 -12.95 1.46 13.41
N THR A 8 -13.15 0.45 12.57
CA THR A 8 -12.26 -0.70 12.45
C THR A 8 -11.36 -0.62 11.24
N SER A 9 -10.07 -0.48 11.42
CA SER A 9 -9.15 -0.64 10.31
C SER A 9 -8.84 -2.13 10.05
N SER A 10 -8.84 -3.11 11.01
CA SER A 10 -8.58 -4.52 10.73
C SER A 10 -9.55 -5.44 11.42
N LEU A 11 -9.89 -6.51 10.76
CA LEU A 11 -10.77 -7.50 11.33
C LEU A 11 -9.99 -8.77 11.17
N SER A 12 -9.66 -9.49 12.21
CA SER A 12 -9.06 -10.81 12.05
C SER A 12 -10.28 -11.69 11.95
N VAL A 13 -10.30 -12.46 10.87
CA VAL A 13 -11.48 -13.16 10.44
C VAL A 13 -11.04 -14.61 10.28
N SER A 14 -11.92 -15.55 10.03
CA SER A 14 -11.49 -16.90 9.66
C SER A 14 -12.45 -17.33 8.56
N LEU A 15 -12.04 -18.14 7.59
CA LEU A 15 -12.85 -18.47 6.41
C LEU A 15 -14.21 -18.96 6.84
N GLY A 16 -15.29 -18.51 6.23
CA GLY A 16 -16.59 -19.05 6.57
C GLY A 16 -17.27 -18.37 7.74
N ASP A 17 -16.72 -17.48 8.54
CA ASP A 17 -17.57 -16.88 9.54
C ASP A 17 -18.23 -15.62 8.94
N ARG A 18 -18.96 -14.90 9.77
CA ARG A 18 -19.75 -13.75 9.37
C ARG A 18 -19.05 -12.51 9.89
N VAL A 19 -18.84 -11.64 8.92
CA VAL A 19 -18.01 -10.45 9.05
C VAL A 19 -18.93 -9.24 8.93
N ILE A 20 -18.88 -8.30 9.87
CA ILE A 20 -19.70 -7.12 9.83
C ILE A 20 -18.77 -5.92 9.98
N ILE A 21 -18.66 -5.17 8.87
CA ILE A 21 -17.88 -3.94 8.72
C ILE A 21 -18.85 -2.76 8.91
N SER A 22 -18.58 -1.74 9.72
CA SER A 22 -19.60 -0.71 9.89
C SER A 22 -19.09 0.65 9.48
N CYS A 23 -19.96 1.63 9.31
CA CYS A 23 -19.55 2.92 8.82
C CYS A 23 -20.56 3.91 9.38
N ARG A 24 -20.05 5.02 9.90
CA ARG A 24 -20.91 6.08 10.43
C ARG A 24 -20.64 7.45 9.81
N ALA A 25 -21.71 8.05 9.32
CA ALA A 25 -21.75 9.41 8.79
C ALA A 25 -21.78 10.46 9.89
N SER A 26 -21.19 11.63 9.74
CA SER A 26 -21.35 12.66 10.76
C SER A 26 -22.68 13.35 10.51
N GLN A 27 -23.27 13.39 9.30
CA GLN A 27 -24.59 13.99 9.13
C GLN A 27 -25.44 12.94 8.49
N ASP A 28 -26.72 13.13 8.53
CA ASP A 28 -27.60 12.19 7.92
C ASP A 28 -27.35 12.38 6.43
N ILE A 29 -27.27 11.25 5.75
CA ILE A 29 -27.05 11.13 4.30
C ILE A 29 -28.16 10.29 3.70
N GLY A 30 -29.10 9.91 4.56
CA GLY A 30 -30.29 9.16 4.26
C GLY A 30 -30.25 8.25 3.06
N ASN A 31 -29.63 7.08 3.35
CA ASN A 31 -29.47 6.00 2.38
C ASN A 31 -28.51 6.18 1.24
N PHE A 32 -27.90 7.33 0.99
CA PHE A 32 -27.01 7.47 -0.14
C PHE A 32 -25.64 7.02 0.25
N LEU A 33 -25.51 5.74 0.56
CA LEU A 33 -24.25 5.24 1.01
C LEU A 33 -23.88 4.08 0.10
N ASN A 34 -22.63 3.95 -0.40
CA ASN A 34 -22.22 2.85 -1.28
C ASN A 34 -21.00 2.13 -0.70
N TRP A 35 -20.75 0.86 -1.05
CA TRP A 35 -19.67 0.04 -0.48
C TRP A 35 -18.76 -0.47 -1.58
N TYR A 36 -17.45 -0.58 -1.37
CA TYR A 36 -16.43 -0.93 -2.37
C TYR A 36 -15.47 -1.86 -1.72
N GLN A 37 -14.83 -2.61 -2.61
CA GLN A 37 -13.78 -3.53 -2.14
C GLN A 37 -12.50 -3.23 -2.90
N GLN A 38 -11.30 -3.32 -2.32
CA GLN A 38 -10.13 -3.03 -3.07
C GLN A 38 -9.36 -4.24 -2.77
N LYS A 39 -9.23 -5.03 -3.84
CA LYS A 39 -8.56 -6.31 -3.80
C LYS A 39 -7.10 -6.15 -3.45
N PRO A 40 -6.35 -7.14 -2.93
CA PRO A 40 -4.90 -7.05 -2.70
C PRO A 40 -4.09 -6.37 -3.81
N ASP A 41 -4.46 -6.46 -5.11
CA ASP A 41 -3.79 -5.70 -6.18
C ASP A 41 -4.24 -4.25 -6.44
N GLY A 42 -5.02 -3.56 -5.59
CA GLY A 42 -5.41 -2.17 -5.78
C GLY A 42 -6.72 -2.02 -6.55
N SER A 43 -7.15 -3.02 -7.30
CA SER A 43 -8.38 -2.93 -8.05
C SER A 43 -9.56 -2.64 -7.18
N LEU A 44 -10.36 -1.65 -7.47
CA LEU A 44 -11.61 -1.50 -6.77
C LEU A 44 -12.80 -2.03 -7.53
N LYS A 45 -13.84 -2.40 -6.79
CA LYS A 45 -15.04 -2.96 -7.35
C LYS A 45 -16.15 -2.36 -6.49
N LEU A 46 -17.34 -2.11 -7.00
CA LEU A 46 -18.43 -1.57 -6.22
C LEU A 46 -19.23 -2.81 -5.80
N LEU A 47 -19.59 -2.97 -4.51
CA LEU A 47 -20.41 -4.08 -4.04
C LEU A 47 -21.88 -3.75 -3.93
N ILE A 48 -22.17 -2.67 -3.26
CA ILE A 48 -23.54 -2.34 -2.87
C ILE A 48 -23.66 -0.86 -3.00
N TYR A 49 -24.84 -0.41 -3.29
CA TYR A 49 -25.07 0.98 -3.47
C TYR A 49 -26.45 1.26 -2.93
N TYR A 50 -26.67 2.53 -2.62
CA TYR A 50 -27.92 2.98 -2.05
C TYR A 50 -28.27 2.07 -0.90
N THR A 51 -27.23 1.93 -0.05
CA THR A 51 -27.16 1.22 1.19
C THR A 51 -27.25 -0.26 1.15
N SER A 52 -28.02 -0.80 0.23
CA SER A 52 -28.36 -2.21 0.19
C SER A 52 -28.58 -2.86 -1.14
N ARG A 53 -28.40 -2.11 -2.23
CA ARG A 53 -28.61 -2.65 -3.54
C ARG A 53 -27.36 -3.32 -4.06
N LEU A 54 -27.44 -4.59 -4.38
CA LEU A 54 -26.29 -5.32 -4.90
C LEU A 54 -26.12 -5.00 -6.34
N GLN A 55 -24.88 -4.74 -6.60
CA GLN A 55 -24.43 -4.51 -7.92
C GLN A 55 -24.41 -5.85 -8.66
N SER A 56 -24.56 -5.94 -9.98
CA SER A 56 -24.54 -7.19 -10.72
C SER A 56 -23.25 -7.95 -10.58
N GLY A 57 -23.40 -9.23 -10.31
CA GLY A 57 -22.25 -10.10 -10.20
C GLY A 57 -21.62 -10.05 -8.83
N VAL A 58 -22.28 -9.42 -7.85
CA VAL A 58 -21.73 -9.43 -6.54
C VAL A 58 -22.56 -10.54 -5.94
N PRO A 59 -21.87 -11.48 -5.25
CA PRO A 59 -22.49 -12.64 -4.72
C PRO A 59 -23.47 -12.23 -3.67
N SER A 60 -24.72 -12.68 -3.67
CA SER A 60 -25.72 -12.46 -2.61
C SER A 60 -25.24 -12.57 -1.16
N ARG A 61 -23.99 -13.02 -0.85
CA ARG A 61 -23.41 -13.16 0.48
C ARG A 61 -23.18 -11.82 1.17
N PHE A 62 -23.30 -10.77 0.40
CA PHE A 62 -23.02 -9.47 0.89
C PHE A 62 -24.33 -8.81 1.18
N SER A 63 -24.63 -8.21 2.31
CA SER A 63 -25.88 -7.54 2.48
C SER A 63 -25.48 -6.25 3.15
N GLY A 64 -26.14 -5.15 2.74
CA GLY A 64 -25.88 -3.83 3.28
C GLY A 64 -27.16 -3.49 3.99
N TRP A 65 -27.03 -2.98 5.19
CA TRP A 65 -28.14 -2.60 6.00
C TRP A 65 -27.76 -1.18 6.43
N GLY A 66 -28.72 -0.31 6.81
CA GLY A 66 -28.39 1.02 7.33
C GLY A 66 -29.54 1.73 8.01
N SER A 67 -29.27 2.61 8.99
CA SER A 67 -30.18 3.55 9.68
C SER A 67 -29.63 4.97 9.59
N GLY A 68 -29.89 5.74 8.54
CA GLY A 68 -29.55 7.17 8.56
C GLY A 68 -28.11 7.62 8.86
N THR A 69 -27.51 7.59 10.07
CA THR A 69 -26.09 7.91 10.20
C THR A 69 -25.32 6.62 10.16
N ASP A 70 -25.97 5.52 10.58
CA ASP A 70 -25.35 4.19 10.73
C ASP A 70 -25.49 3.07 9.72
N TYR A 71 -24.36 2.70 9.10
CA TYR A 71 -24.47 1.70 8.11
C TYR A 71 -23.66 0.43 8.38
N SER A 72 -23.95 -0.75 7.79
CA SER A 72 -23.08 -1.88 7.95
C SER A 72 -23.00 -2.78 6.72
N LEU A 73 -21.92 -3.56 6.50
CA LEU A 73 -21.89 -4.57 5.43
C LEU A 73 -21.57 -5.76 6.25
N THR A 74 -22.25 -6.81 5.82
CA THR A 74 -22.14 -8.12 6.40
C THR A 74 -21.85 -9.03 5.22
N ILE A 75 -20.81 -9.79 5.42
CA ILE A 75 -20.40 -10.87 4.56
C ILE A 75 -20.90 -12.08 5.35
N SER A 76 -21.89 -12.84 4.88
CA SER A 76 -22.38 -13.88 5.71
C SER A 76 -21.37 -14.98 5.77
N ASN A 77 -20.95 -15.65 4.72
CA ASN A 77 -20.08 -16.80 4.92
C ASN A 77 -18.86 -16.33 4.25
N LEU A 78 -17.83 -15.97 5.03
CA LEU A 78 -16.62 -15.43 4.40
C LEU A 78 -15.85 -16.44 3.48
N GLU A 79 -15.37 -16.06 2.29
CA GLU A 79 -14.61 -16.91 1.41
C GLU A 79 -13.31 -16.23 1.08
N GLU A 80 -12.39 -17.03 0.60
CA GLU A 80 -11.01 -16.72 0.25
C GLU A 80 -10.90 -15.45 -0.56
N GLU A 81 -11.80 -15.26 -1.52
CA GLU A 81 -11.78 -14.10 -2.36
C GLU A 81 -12.15 -12.82 -1.65
N ASP A 82 -12.73 -12.85 -0.47
CA ASP A 82 -13.12 -11.66 0.27
C ASP A 82 -12.01 -11.08 1.12
N ILE A 83 -10.79 -11.58 1.16
CA ILE A 83 -9.79 -10.96 2.00
C ILE A 83 -9.29 -9.79 1.14
N ALA A 84 -9.81 -8.62 1.47
CA ALA A 84 -9.59 -7.41 0.71
C ALA A 84 -9.86 -6.29 1.68
N THR A 85 -9.95 -5.03 1.23
CA THR A 85 -10.25 -3.92 2.15
C THR A 85 -11.45 -3.20 1.50
N PHE A 86 -12.36 -2.77 2.36
CA PHE A 86 -13.71 -2.36 2.06
C PHE A 86 -13.85 -0.92 2.49
N PHE A 87 -14.66 -0.18 1.73
CA PHE A 87 -14.82 1.22 1.98
C PHE A 87 -16.23 1.62 1.75
N CYS A 88 -16.73 2.56 2.54
CA CYS A 88 -18.05 3.14 2.32
C CYS A 88 -17.79 4.57 1.89
N GLN A 89 -18.68 5.16 1.11
CA GLN A 89 -18.67 6.57 0.86
C GLN A 89 -20.08 7.13 0.83
N GLN A 90 -20.27 8.46 1.12
CA GLN A 90 -21.59 9.05 0.96
C GLN A 90 -21.58 9.69 -0.43
N GLY A 91 -22.62 9.41 -1.21
CA GLY A 91 -22.82 9.92 -2.56
C GLY A 91 -24.04 10.84 -2.59
N LYS A 92 -24.08 11.69 -1.59
CA LYS A 92 -25.16 12.64 -1.44
C LYS A 92 -24.63 14.05 -1.68
N THR A 93 -23.57 14.52 -1.04
CA THR A 93 -23.26 15.92 -1.10
C THR A 93 -21.83 16.11 -1.33
N LEU A 94 -21.62 17.08 -2.16
CA LEU A 94 -20.26 17.44 -2.49
C LEU A 94 -19.29 17.72 -1.33
N PRO A 95 -17.97 17.38 -1.29
CA PRO A 95 -17.29 16.35 -2.07
C PRO A 95 -17.79 15.04 -1.50
N TYR A 96 -17.90 14.08 -2.40
CA TYR A 96 -18.40 12.79 -1.92
C TYR A 96 -17.20 12.22 -1.21
N THR A 97 -17.40 11.85 0.03
CA THR A 97 -16.38 11.46 0.96
C THR A 97 -16.44 9.95 1.09
N PHE A 98 -15.25 9.36 1.30
CA PHE A 98 -15.06 7.95 1.55
C PHE A 98 -14.58 7.72 2.98
N GLY A 99 -14.91 6.60 3.60
CA GLY A 99 -14.33 6.21 4.88
C GLY A 99 -12.93 5.63 4.78
N GLY A 100 -12.31 5.35 5.92
CA GLY A 100 -10.95 4.83 6.00
C GLY A 100 -10.66 3.43 5.43
N GLY A 101 -11.60 2.47 5.34
CA GLY A 101 -11.33 1.11 4.93
C GLY A 101 -11.26 0.17 6.11
N THR A 102 -11.71 -1.07 5.91
CA THR A 102 -11.52 -2.11 6.90
C THR A 102 -10.88 -3.26 6.12
N LYS A 103 -9.65 -3.58 6.49
CA LYS A 103 -8.84 -4.62 5.87
C LYS A 103 -9.07 -5.86 6.74
N LEU A 104 -9.40 -6.95 6.08
CA LEU A 104 -9.64 -8.24 6.75
C LEU A 104 -8.31 -8.99 6.70
N GLU A 105 -7.90 -9.71 7.74
CA GLU A 105 -6.69 -10.51 7.68
C GLU A 105 -7.18 -11.83 8.25
N ILE A 106 -6.58 -12.93 7.84
CA ILE A 106 -6.87 -14.27 8.27
C ILE A 106 -6.22 -14.53 9.63
N LYS A 107 -7.06 -15.01 10.51
CA LYS A 107 -6.69 -15.37 11.85
C LYS A 107 -6.18 -16.77 11.77
N ARG A 108 -5.12 -16.88 12.59
CA ARG A 108 -4.39 -18.09 12.96
C ARG A 108 -3.69 -17.96 14.33
N THR A 109 -2.92 -19.00 14.70
CA THR A 109 -2.31 -19.11 16.01
C THR A 109 -1.10 -18.21 16.17
N VAL A 110 -0.86 -17.70 17.41
CA VAL A 110 0.27 -16.85 17.75
C VAL A 110 1.58 -17.54 17.43
N ALA A 111 2.27 -16.86 16.50
CA ALA A 111 3.53 -17.33 15.96
C ALA A 111 4.46 -16.26 16.46
N ALA A 112 5.55 -16.82 16.92
CA ALA A 112 6.60 -16.02 17.50
C ALA A 112 7.63 -15.80 16.41
N PRO A 113 8.17 -14.57 16.45
CA PRO A 113 9.15 -14.08 15.51
C PRO A 113 10.54 -14.63 15.73
N SER A 114 11.15 -15.22 14.73
CA SER A 114 12.57 -15.51 14.85
C SER A 114 13.22 -14.17 14.54
N VAL A 115 14.03 -13.60 15.44
CA VAL A 115 14.64 -12.30 15.21
C VAL A 115 16.07 -12.40 14.62
N PHE A 116 16.51 -11.43 13.82
CA PHE A 116 17.86 -11.43 13.26
C PHE A 116 18.34 -9.98 13.29
N ILE A 117 19.60 -9.75 13.66
CA ILE A 117 20.16 -8.41 13.71
C ILE A 117 21.22 -8.43 12.60
N PHE A 118 21.44 -7.37 11.84
CA PHE A 118 22.43 -7.45 10.79
C PHE A 118 23.17 -6.17 10.89
N PRO A 119 24.46 -6.16 11.05
CA PRO A 119 25.22 -4.94 11.15
C PRO A 119 25.48 -4.39 9.74
N PRO A 120 26.00 -3.14 9.65
CA PRO A 120 26.28 -2.51 8.36
C PRO A 120 27.44 -3.15 7.63
N SER A 121 27.77 -2.65 6.44
CA SER A 121 28.87 -3.23 5.72
C SER A 121 29.81 -2.17 5.15
N ASP A 122 30.87 -2.79 4.69
CA ASP A 122 31.92 -2.23 3.86
C ASP A 122 31.70 -0.87 3.21
N GLU A 123 30.97 -1.06 2.10
CA GLU A 123 30.65 -0.12 1.05
C GLU A 123 29.90 1.02 1.68
N GLN A 124 28.88 0.78 2.53
CA GLN A 124 28.07 1.85 3.10
C GLN A 124 28.81 2.64 4.17
N LEU A 125 29.65 2.01 4.99
CA LEU A 125 30.41 2.77 5.94
C LEU A 125 31.48 3.56 5.22
N LYS A 126 32.04 3.03 4.11
CA LYS A 126 32.93 3.80 3.23
C LYS A 126 32.21 5.05 2.81
N SER A 127 30.92 4.91 2.51
CA SER A 127 30.01 5.99 2.12
C SER A 127 29.56 6.84 3.30
N GLY A 128 29.97 6.39 4.47
CA GLY A 128 29.77 7.13 5.68
C GLY A 128 28.41 7.02 6.31
N THR A 129 27.54 6.10 5.93
CA THR A 129 26.23 5.99 6.56
C THR A 129 26.23 4.62 7.20
N ALA A 130 25.62 4.47 8.35
CA ALA A 130 25.52 3.17 8.97
C ALA A 130 24.07 2.78 9.03
N SER A 131 23.50 1.83 8.26
CA SER A 131 22.16 1.29 8.46
C SER A 131 22.26 -0.02 9.24
N VAL A 132 21.82 -0.10 10.48
CA VAL A 132 21.79 -1.35 11.22
C VAL A 132 20.37 -1.92 11.04
N VAL A 133 20.13 -3.23 10.80
CA VAL A 133 18.77 -3.73 10.67
C VAL A 133 18.41 -4.85 11.64
N CYS A 134 17.12 -4.95 11.88
CA CYS A 134 16.53 -5.98 12.71
C CYS A 134 15.38 -6.49 11.87
N LEU A 135 15.42 -7.78 11.54
CA LEU A 135 14.39 -8.49 10.80
C LEU A 135 13.67 -9.31 11.87
N LEU A 136 12.35 -9.29 11.94
CA LEU A 136 11.56 -10.14 12.79
C LEU A 136 10.91 -10.99 11.72
N ASN A 137 11.19 -12.28 11.70
CA ASN A 137 10.66 -13.09 10.63
C ASN A 137 9.43 -13.88 10.98
N ASN A 138 8.63 -14.22 9.97
CA ASN A 138 7.43 -15.03 10.12
C ASN A 138 6.65 -15.17 11.43
N PHE A 139 6.14 -14.08 12.01
CA PHE A 139 5.34 -14.12 13.23
C PHE A 139 3.88 -13.82 12.98
N TYR A 140 3.05 -13.90 14.00
CA TYR A 140 1.65 -13.56 13.92
C TYR A 140 1.27 -13.37 15.38
N PRO A 141 0.33 -12.54 15.78
CA PRO A 141 -0.27 -11.44 15.04
C PRO A 141 0.69 -10.33 14.68
N ARG A 142 0.25 -9.37 13.87
CA ARG A 142 1.08 -8.28 13.38
C ARG A 142 1.66 -7.36 14.45
N GLU A 143 1.07 -7.22 15.64
CA GLU A 143 1.62 -6.28 16.60
C GLU A 143 2.80 -6.97 17.31
N ALA A 144 3.92 -6.29 17.07
CA ALA A 144 5.25 -6.57 17.60
C ALA A 144 5.73 -5.18 18.03
N LYS A 145 6.64 -5.01 19.01
CA LYS A 145 7.16 -3.72 19.49
C LYS A 145 8.69 -3.80 19.46
N VAL A 146 9.42 -3.09 18.57
CA VAL A 146 10.88 -3.13 18.44
C VAL A 146 11.50 -1.86 18.99
N GLN A 147 12.33 -1.90 20.03
CA GLN A 147 12.98 -0.74 20.63
C GLN A 147 14.48 -0.83 20.32
N TRP A 148 15.12 0.14 19.65
CA TRP A 148 16.56 0.09 19.40
C TRP A 148 17.28 0.75 20.55
N LYS A 149 18.34 0.13 21.02
CA LYS A 149 19.05 0.63 22.14
C LYS A 149 20.48 0.75 21.66
N VAL A 150 21.12 1.92 21.69
CA VAL A 150 22.48 2.04 21.23
C VAL A 150 23.20 2.39 22.49
N ASP A 151 24.04 1.44 22.91
CA ASP A 151 24.85 1.47 24.11
C ASP A 151 23.87 1.65 25.21
N ASN A 152 22.93 0.72 25.22
CA ASN A 152 21.86 0.76 26.20
C ASN A 152 20.91 1.97 26.14
N ALA A 153 21.12 2.94 25.24
CA ALA A 153 20.28 4.13 25.12
C ALA A 153 19.12 3.98 24.15
N LEU A 154 17.97 4.52 24.55
CA LEU A 154 16.76 4.32 23.81
C LEU A 154 16.73 5.23 22.61
N GLN A 155 16.77 4.64 21.44
CA GLN A 155 16.67 5.45 20.26
C GLN A 155 15.27 5.82 20.02
N SER A 156 15.19 7.12 19.89
CA SER A 156 13.96 7.80 19.53
C SER A 156 14.07 8.31 18.06
N GLY A 157 13.20 7.98 17.11
CA GLY A 157 13.17 8.62 15.79
C GLY A 157 14.25 8.44 14.70
N ASN A 158 14.90 7.28 14.55
CA ASN A 158 15.86 7.06 13.46
C ASN A 158 15.40 5.87 12.63
N SER A 159 14.77 4.97 13.36
CA SER A 159 14.20 3.75 12.86
C SER A 159 13.15 4.00 11.78
N GLN A 160 13.06 3.18 10.74
CA GLN A 160 11.91 3.14 9.87
C GLN A 160 11.59 1.63 9.86
N GLU A 161 10.34 1.19 9.77
CA GLU A 161 10.05 -0.24 9.69
C GLU A 161 8.98 -0.74 8.67
N SER A 162 9.29 -1.79 7.91
CA SER A 162 8.41 -2.27 6.88
C SER A 162 7.83 -3.62 7.26
N VAL A 163 6.61 -3.92 6.89
CA VAL A 163 5.91 -5.11 7.28
C VAL A 163 5.47 -5.59 5.92
N THR A 164 5.54 -6.88 5.85
CA THR A 164 5.06 -7.72 4.79
C THR A 164 3.52 -7.74 4.90
N GLU A 165 2.75 -8.06 3.88
CA GLU A 165 1.34 -8.25 4.16
C GLU A 165 1.23 -9.74 4.48
N GLN A 166 0.14 -10.17 5.13
CA GLN A 166 -0.02 -11.53 5.57
C GLN A 166 0.26 -12.49 4.46
N ASP A 167 1.17 -13.42 4.70
CA ASP A 167 1.65 -14.43 3.76
C ASP A 167 0.51 -15.34 3.30
N SER A 168 0.41 -15.55 1.97
CA SER A 168 -0.66 -16.27 1.28
C SER A 168 -0.75 -17.71 1.70
N LYS A 169 0.38 -18.40 1.71
CA LYS A 169 0.39 -19.72 2.32
C LYS A 169 0.83 -19.39 3.73
N ASP A 170 0.47 -20.08 4.80
CA ASP A 170 0.96 -19.76 6.15
C ASP A 170 0.53 -18.50 6.92
N SER A 171 -0.12 -17.44 6.47
CA SER A 171 -0.71 -16.42 7.34
C SER A 171 0.09 -15.62 8.40
N THR A 172 1.35 -15.46 8.07
CA THR A 172 2.24 -14.74 8.95
C THR A 172 2.76 -13.44 8.32
N TYR A 173 3.41 -12.63 9.12
CA TYR A 173 4.02 -11.39 8.66
C TYR A 173 5.54 -11.47 8.83
N SER A 174 6.30 -10.42 8.55
CA SER A 174 7.74 -10.29 8.77
C SER A 174 7.98 -8.78 8.89
N LEU A 175 8.93 -8.22 9.66
CA LEU A 175 9.12 -6.80 9.74
C LEU A 175 10.58 -6.43 9.73
N SER A 176 11.01 -5.27 9.27
CA SER A 176 12.38 -4.82 9.40
C SER A 176 12.39 -3.42 9.95
N SER A 177 13.05 -3.20 11.07
CA SER A 177 13.34 -1.85 11.50
C SER A 177 14.80 -1.64 11.12
N THR A 178 15.09 -0.43 10.68
CA THR A 178 16.42 -0.07 10.25
C THR A 178 16.80 1.14 11.11
N LEU A 179 18.04 1.28 11.54
CA LEU A 179 18.42 2.35 12.41
C LEU A 179 19.49 2.87 11.51
N THR A 180 19.27 4.10 11.05
CA THR A 180 20.16 4.74 10.09
C THR A 180 20.71 5.98 10.77
N LEU A 181 22.04 5.88 10.93
CA LEU A 181 22.91 6.84 11.57
C LEU A 181 23.98 7.29 10.57
N SER A 182 25.07 7.88 11.05
CA SER A 182 26.20 8.26 10.22
C SER A 182 27.43 7.43 10.61
N LYS A 183 28.52 7.54 9.89
CA LYS A 183 29.77 6.87 10.19
C LYS A 183 30.25 7.47 11.51
N ALA A 184 30.26 8.77 11.73
CA ALA A 184 30.73 9.30 13.00
C ALA A 184 29.84 8.80 14.12
N ASP A 185 28.55 8.88 13.89
CA ASP A 185 27.61 8.46 14.88
C ASP A 185 27.69 7.03 15.25
N TYR A 186 27.82 6.20 14.24
CA TYR A 186 27.97 4.80 14.38
C TYR A 186 29.26 4.49 15.12
N GLU A 187 30.44 4.93 14.67
CA GLU A 187 31.72 4.70 15.36
C GLU A 187 31.85 5.28 16.79
N LYS A 188 30.94 6.17 17.16
CA LYS A 188 30.87 6.72 18.50
C LYS A 188 30.25 5.76 19.50
N HIS A 189 29.73 4.56 19.16
CA HIS A 189 29.08 3.72 20.17
C HIS A 189 29.48 2.31 19.86
N LYS A 190 29.47 1.48 20.91
CA LYS A 190 29.83 0.09 20.74
C LYS A 190 28.72 -0.95 20.86
N VAL A 191 27.70 -0.93 21.75
CA VAL A 191 26.63 -1.91 21.68
C VAL A 191 25.50 -1.36 20.87
N TYR A 192 24.94 -2.16 19.95
CA TYR A 192 23.76 -1.83 19.12
C TYR A 192 22.76 -2.94 19.41
N ALA A 193 21.59 -2.71 19.95
CA ALA A 193 20.69 -3.79 20.34
C ALA A 193 19.31 -3.62 19.75
N CYS A 194 18.67 -4.73 19.40
CA CYS A 194 17.32 -4.71 18.82
C CYS A 194 16.42 -5.35 19.84
N GLU A 195 15.61 -4.64 20.60
CA GLU A 195 14.79 -5.31 21.58
C GLU A 195 13.42 -5.55 20.97
N VAL A 196 12.86 -6.76 21.06
CA VAL A 196 11.60 -7.01 20.41
C VAL A 196 10.62 -7.45 21.48
N THR A 197 9.44 -6.89 21.50
CA THR A 197 8.42 -7.16 22.48
C THR A 197 7.25 -7.74 21.66
N HIS A 198 6.91 -9.04 21.60
CA HIS A 198 5.78 -9.53 20.80
C HIS A 198 4.93 -10.45 21.67
N GLN A 199 3.69 -10.77 21.33
CA GLN A 199 2.96 -11.80 22.08
C GLN A 199 3.50 -13.23 21.86
N GLY A 200 4.75 -13.38 21.43
CA GLY A 200 5.28 -14.68 21.13
C GLY A 200 5.80 -15.22 22.43
N LEU A 201 6.56 -14.45 23.21
CA LEU A 201 6.87 -14.90 24.55
C LEU A 201 6.78 -13.64 25.35
N SER A 202 6.49 -13.94 26.60
CA SER A 202 6.54 -12.94 27.63
C SER A 202 8.04 -13.02 28.01
N SER A 203 8.76 -12.29 27.16
CA SER A 203 10.18 -11.99 27.23
C SER A 203 10.30 -11.32 25.87
N PRO A 204 10.92 -10.16 25.86
CA PRO A 204 11.70 -9.72 24.72
C PRO A 204 12.82 -10.68 24.36
N VAL A 205 13.54 -10.29 23.32
CA VAL A 205 14.64 -11.00 22.70
C VAL A 205 15.57 -9.86 22.17
N THR A 206 16.83 -10.06 21.67
CA THR A 206 17.85 -9.06 21.26
C THR A 206 18.81 -9.39 20.03
N ASP B 1 -16.27 -5.70 -23.09
CA ASP B 1 -16.69 -5.69 -21.68
C ASP B 1 -16.56 -4.21 -21.27
N VAL B 2 -17.09 -3.64 -20.15
CA VAL B 2 -16.86 -2.21 -19.80
C VAL B 2 -15.43 -2.08 -19.30
N GLN B 3 -14.63 -1.19 -19.93
CA GLN B 3 -13.25 -0.95 -19.55
C GLN B 3 -12.90 0.52 -19.42
N LEU B 4 -11.84 0.87 -18.72
CA LEU B 4 -11.44 2.25 -18.52
C LEU B 4 -9.93 2.11 -18.32
N VAL B 5 -9.12 2.65 -19.26
CA VAL B 5 -7.66 2.53 -19.21
C VAL B 5 -7.08 3.95 -19.12
N GLU B 6 -6.32 4.24 -18.04
CA GLU B 6 -5.77 5.53 -17.76
C GLU B 6 -4.36 5.50 -18.29
N SER B 7 -3.99 6.67 -18.75
CA SER B 7 -2.76 6.94 -19.43
C SER B 7 -2.26 8.26 -18.90
N GLY B 8 -0.95 8.51 -18.91
CA GLY B 8 -0.36 9.76 -18.49
C GLY B 8 0.33 9.87 -17.12
N GLY B 9 0.39 8.87 -16.24
CA GLY B 9 1.10 9.08 -14.99
C GLY B 9 2.59 9.29 -15.21
N GLY B 10 3.33 9.70 -14.18
CA GLY B 10 4.75 9.91 -14.35
C GLY B 10 5.37 10.64 -13.19
N LEU B 11 6.61 11.08 -13.38
CA LEU B 11 7.26 11.83 -12.34
C LEU B 11 7.02 13.26 -12.75
N VAL B 12 6.79 14.22 -11.87
CA VAL B 12 6.55 15.61 -12.24
C VAL B 12 7.09 16.35 -11.04
N GLN B 13 7.80 17.44 -11.33
CA GLN B 13 8.35 18.38 -10.36
C GLN B 13 7.20 19.24 -9.87
N PRO B 14 7.21 19.75 -8.63
CA PRO B 14 6.31 20.82 -8.22
C PRO B 14 6.21 21.94 -9.26
N GLY B 15 5.01 22.34 -9.67
CA GLY B 15 4.82 23.48 -10.56
C GLY B 15 4.23 23.03 -11.87
N GLY B 16 4.75 21.86 -12.19
CA GLY B 16 4.34 21.18 -13.39
C GLY B 16 2.86 20.91 -13.52
N SER B 17 2.67 20.32 -14.69
CA SER B 17 1.39 20.02 -15.26
C SER B 17 1.44 18.64 -15.86
N ARG B 18 0.30 17.95 -15.97
CA ARG B 18 0.26 16.64 -16.57
C ARG B 18 -1.19 16.46 -17.01
N LYS B 19 -1.50 15.60 -17.95
CA LYS B 19 -2.87 15.44 -18.37
C LYS B 19 -3.01 13.97 -18.40
N LEU B 20 -3.93 13.43 -17.61
CA LEU B 20 -4.18 12.03 -17.64
C LEU B 20 -5.36 11.93 -18.53
N SER B 21 -5.48 10.75 -19.12
CA SER B 21 -6.65 10.44 -19.89
C SER B 21 -7.20 9.04 -19.64
N CYS B 22 -8.47 8.83 -19.93
CA CYS B 22 -9.17 7.60 -19.61
C CYS B 22 -10.06 7.25 -20.77
N ALA B 23 -9.65 6.23 -21.50
CA ALA B 23 -10.39 5.76 -22.65
C ALA B 23 -11.53 4.84 -22.26
N ALA B 24 -12.78 5.21 -22.48
CA ALA B 24 -13.86 4.31 -22.17
C ALA B 24 -14.04 3.21 -23.22
N SER B 25 -14.49 1.96 -22.97
CA SER B 25 -14.75 0.94 -23.98
C SER B 25 -15.97 0.21 -23.44
N GLY B 26 -16.86 -0.40 -24.21
CA GLY B 26 -17.92 -1.23 -23.61
C GLY B 26 -19.23 -0.58 -23.19
N PHE B 27 -19.27 0.76 -23.20
CA PHE B 27 -20.49 1.48 -22.89
C PHE B 27 -20.45 2.76 -23.71
N THR B 28 -21.65 3.28 -23.94
CA THR B 28 -21.93 4.53 -24.63
C THR B 28 -21.50 5.58 -23.62
N PHE B 29 -20.29 6.12 -23.73
CA PHE B 29 -19.70 7.09 -22.84
C PHE B 29 -20.63 8.26 -22.72
N SER B 30 -21.29 8.59 -23.80
CA SER B 30 -22.17 9.74 -23.88
C SER B 30 -23.32 9.75 -22.90
N ASN B 31 -23.55 8.68 -22.14
CA ASN B 31 -24.68 8.59 -21.24
C ASN B 31 -24.27 8.58 -19.80
N PHE B 32 -22.97 8.68 -19.53
CA PHE B 32 -22.53 8.58 -18.14
C PHE B 32 -21.59 9.69 -17.74
N GLY B 33 -21.88 10.20 -16.55
CA GLY B 33 -21.00 11.23 -16.01
C GLY B 33 -19.75 10.49 -15.63
N MET B 34 -18.60 11.09 -15.70
CA MET B 34 -17.42 10.37 -15.36
C MET B 34 -16.84 11.12 -14.21
N HIS B 35 -16.12 10.47 -13.28
CA HIS B 35 -15.45 11.04 -12.12
C HIS B 35 -14.01 10.61 -12.19
N TRP B 36 -13.18 11.22 -11.36
CA TRP B 36 -11.74 10.97 -11.24
C TRP B 36 -11.55 10.88 -9.74
N VAL B 37 -11.04 9.80 -9.20
CA VAL B 37 -10.94 9.62 -7.75
C VAL B 37 -9.48 9.34 -7.50
N ARG B 38 -8.85 9.75 -6.42
CA ARG B 38 -7.47 9.37 -6.27
C ARG B 38 -7.26 8.63 -4.99
N GLN B 39 -6.23 7.82 -4.91
CA GLN B 39 -5.88 7.13 -3.69
C GLN B 39 -4.48 7.58 -3.50
N ALA B 40 -4.23 8.34 -2.47
CA ALA B 40 -2.88 8.78 -2.23
C ALA B 40 -2.56 7.89 -1.08
N PRO B 41 -1.82 6.81 -1.29
CA PRO B 41 -1.37 5.90 -0.21
C PRO B 41 -0.71 6.66 0.94
N GLU B 42 -1.13 6.24 2.13
CA GLU B 42 -0.77 6.74 3.44
C GLU B 42 -2.19 7.14 3.70
N LYS B 43 -2.63 8.15 2.96
CA LYS B 43 -3.99 8.59 3.07
C LYS B 43 -4.91 7.67 2.25
N GLY B 44 -6.13 8.18 2.08
CA GLY B 44 -7.12 7.31 1.49
C GLY B 44 -7.49 7.77 0.11
N LEU B 45 -8.62 7.13 -0.13
CA LEU B 45 -9.38 7.37 -1.33
C LEU B 45 -9.99 8.75 -1.18
N GLU B 46 -9.93 9.50 -2.26
CA GLU B 46 -10.40 10.91 -2.30
C GLU B 46 -11.08 11.26 -3.61
N TRP B 47 -12.26 11.90 -3.65
CA TRP B 47 -12.98 12.25 -4.87
C TRP B 47 -12.34 13.56 -5.33
N VAL B 48 -12.09 13.60 -6.64
CA VAL B 48 -11.33 14.72 -7.14
C VAL B 48 -12.16 15.65 -7.96
N ALA B 49 -12.86 15.09 -8.93
CA ALA B 49 -13.57 15.84 -9.91
C ALA B 49 -14.71 15.10 -10.61
N TYR B 50 -15.80 15.74 -11.08
CA TYR B 50 -16.94 15.16 -11.78
C TYR B 50 -17.29 16.00 -13.03
N ILE B 51 -17.62 15.42 -14.19
CA ILE B 51 -18.11 16.12 -15.35
C ILE B 51 -19.28 15.30 -15.86
N SER B 52 -20.41 15.93 -16.22
CA SER B 52 -21.58 15.15 -16.62
C SER B 52 -21.52 14.63 -18.03
N SER B 53 -22.44 13.73 -18.47
CA SER B 53 -22.46 13.12 -19.83
C SER B 53 -22.53 14.27 -20.77
N GLY B 54 -21.56 14.60 -21.58
CA GLY B 54 -21.66 15.88 -22.30
C GLY B 54 -21.45 16.95 -21.26
N GLY B 55 -20.30 17.53 -21.24
CA GLY B 55 -19.87 18.35 -20.15
C GLY B 55 -20.64 19.59 -19.77
N SER B 56 -21.96 19.79 -19.78
CA SER B 56 -22.51 21.02 -19.22
C SER B 56 -22.33 21.19 -17.68
N SER B 57 -22.24 20.20 -16.74
CA SER B 57 -21.92 20.45 -15.31
C SER B 57 -20.69 19.66 -14.89
N ILE B 58 -19.98 20.24 -13.95
CA ILE B 58 -18.67 19.87 -13.51
C ILE B 58 -18.64 20.23 -12.06
N ASN B 59 -17.86 19.50 -11.22
CA ASN B 59 -17.69 19.82 -9.80
C ASN B 59 -16.29 19.41 -9.47
N TYR B 60 -15.66 20.07 -8.50
CA TYR B 60 -14.28 19.82 -8.13
C TYR B 60 -14.18 19.68 -6.65
N ALA B 61 -13.20 18.90 -6.16
CA ALA B 61 -13.03 18.78 -4.71
C ALA B 61 -12.27 20.04 -4.35
N ASP B 62 -12.40 20.61 -3.16
CA ASP B 62 -11.84 21.93 -2.95
C ASP B 62 -10.33 22.00 -3.01
N THR B 63 -9.71 20.85 -3.02
CA THR B 63 -8.29 20.74 -2.92
C THR B 63 -7.63 20.73 -4.28
N VAL B 64 -8.31 20.49 -5.40
CA VAL B 64 -7.68 20.47 -6.71
C VAL B 64 -8.32 21.63 -7.47
N LYS B 65 -9.03 22.50 -6.72
CA LYS B 65 -9.89 23.55 -7.25
C LYS B 65 -9.05 24.65 -7.81
N GLY B 66 -9.32 24.97 -9.09
CA GLY B 66 -8.58 26.02 -9.73
C GLY B 66 -7.44 25.50 -10.57
N ARG B 67 -6.80 24.44 -10.05
CA ARG B 67 -5.66 23.81 -10.69
C ARG B 67 -6.00 22.66 -11.60
N PHE B 68 -7.05 21.85 -11.40
CA PHE B 68 -7.27 20.81 -12.36
C PHE B 68 -8.49 21.17 -13.15
N THR B 69 -8.61 20.62 -14.35
CA THR B 69 -9.75 20.84 -15.18
C THR B 69 -10.06 19.47 -15.72
N ILE B 70 -11.27 18.94 -15.55
CA ILE B 70 -11.69 17.63 -16.06
C ILE B 70 -12.46 17.99 -17.35
N SER B 71 -12.47 17.14 -18.35
CA SER B 71 -13.07 17.40 -19.63
C SER B 71 -13.25 16.07 -20.35
N ARG B 72 -13.94 15.98 -21.46
CA ARG B 72 -14.11 14.75 -22.13
C ARG B 72 -14.40 14.97 -23.62
N ASP B 73 -14.23 13.97 -24.48
CA ASP B 73 -14.46 14.06 -25.90
C ASP B 73 -15.24 12.78 -26.18
N ASN B 74 -16.54 12.91 -26.18
CA ASN B 74 -17.37 11.76 -26.34
C ASN B 74 -17.25 11.08 -27.68
N PRO B 75 -17.10 11.69 -28.85
CA PRO B 75 -16.74 10.99 -30.08
C PRO B 75 -15.43 10.25 -30.02
N LYS B 76 -14.55 10.68 -29.13
CA LYS B 76 -13.36 9.91 -28.98
C LYS B 76 -13.48 8.99 -27.76
N ASN B 77 -14.64 8.93 -27.09
CA ASN B 77 -14.81 8.10 -25.93
C ASN B 77 -13.69 8.35 -24.89
N THR B 78 -13.21 9.59 -24.66
CA THR B 78 -12.08 9.84 -23.78
C THR B 78 -12.41 10.88 -22.74
N LEU B 79 -11.91 10.73 -21.52
CA LEU B 79 -12.12 11.66 -20.42
C LEU B 79 -10.73 12.16 -20.10
N PHE B 80 -10.51 13.37 -19.58
CA PHE B 80 -9.18 13.91 -19.39
C PHE B 80 -9.21 14.57 -18.06
N LEU B 81 -8.01 14.74 -17.56
CA LEU B 81 -7.87 15.56 -16.38
C LEU B 81 -6.55 16.31 -16.58
N GLN B 82 -6.57 17.64 -16.87
CA GLN B 82 -5.33 18.37 -16.94
C GLN B 82 -4.97 18.93 -15.59
N MET B 83 -3.77 18.82 -15.05
CA MET B 83 -3.43 19.25 -13.71
C MET B 83 -2.40 20.32 -13.85
N THR B 84 -2.36 21.29 -12.96
CA THR B 84 -1.49 22.44 -13.06
C THR B 84 -0.95 22.71 -11.64
N SER B 85 0.17 23.46 -11.53
CA SER B 85 0.78 23.80 -10.26
C SER B 85 0.83 22.63 -9.26
N LEU B 86 1.26 21.47 -9.78
CA LEU B 86 1.32 20.23 -9.01
C LEU B 86 2.15 20.38 -7.75
N ARG B 87 1.63 19.83 -6.69
CA ARG B 87 2.24 19.91 -5.39
C ARG B 87 2.65 18.50 -5.04
N SER B 88 3.65 18.40 -4.19
CA SER B 88 4.08 17.11 -3.69
C SER B 88 2.90 16.33 -3.13
N GLU B 89 1.87 16.97 -2.56
CA GLU B 89 0.69 16.20 -2.13
C GLU B 89 -0.40 15.82 -3.14
N ASP B 90 -0.23 15.99 -4.46
CA ASP B 90 -1.21 15.46 -5.39
C ASP B 90 -0.71 14.12 -5.95
N THR B 91 0.34 13.56 -5.35
CA THR B 91 0.96 12.30 -5.66
C THR B 91 -0.06 11.30 -5.19
N ALA B 92 -0.50 10.55 -6.19
CA ALA B 92 -1.54 9.61 -5.92
C ALA B 92 -1.67 8.63 -7.06
N ILE B 93 -2.56 7.63 -6.93
CA ILE B 93 -3.01 6.81 -8.06
C ILE B 93 -4.40 7.34 -8.40
N TYR B 94 -4.56 7.72 -9.66
CA TYR B 94 -5.72 8.35 -10.19
C TYR B 94 -6.55 7.35 -10.95
N TYR B 95 -7.80 7.22 -10.55
CA TYR B 95 -8.70 6.25 -11.11
C TYR B 95 -9.74 7.00 -11.86
N CYS B 96 -10.15 6.63 -13.09
CA CYS B 96 -11.39 7.11 -13.63
C CYS B 96 -12.44 6.04 -13.38
N THR B 97 -13.57 6.51 -12.97
CA THR B 97 -14.60 5.70 -12.52
C THR B 97 -15.89 6.25 -13.12
N ARG B 98 -16.87 5.42 -13.45
CA ARG B 98 -18.09 5.88 -14.07
C ARG B 98 -19.19 6.22 -13.05
N GLY B 99 -19.99 7.23 -13.39
CA GLY B 99 -21.12 7.55 -12.56
C GLY B 99 -22.16 6.51 -12.89
N GLY B 100 -22.77 6.03 -11.87
CA GLY B 100 -23.68 4.95 -12.00
C GLY B 100 -25.03 5.04 -12.63
N THR B 101 -25.86 6.05 -12.54
CA THR B 101 -27.12 6.00 -13.32
C THR B 101 -28.07 4.90 -12.91
N GLY B 102 -28.43 4.95 -11.65
CA GLY B 102 -29.31 3.98 -11.06
C GLY B 102 -30.26 4.80 -10.21
N THR B 103 -29.90 4.97 -8.95
CA THR B 103 -30.65 5.83 -8.08
C THR B 103 -30.40 7.26 -8.51
N ARG B 104 -31.43 8.11 -8.39
CA ARG B 104 -31.38 9.54 -8.70
C ARG B 104 -30.57 10.33 -7.68
N SER B 105 -29.68 11.15 -8.21
CA SER B 105 -28.79 12.00 -7.46
C SER B 105 -27.91 11.35 -6.39
N LEU B 106 -27.66 10.04 -6.55
CA LEU B 106 -26.82 9.25 -5.67
C LEU B 106 -25.54 9.23 -6.46
N TYR B 107 -24.38 9.49 -5.89
CA TYR B 107 -23.19 9.52 -6.71
C TYR B 107 -22.32 8.36 -6.31
N TYR B 108 -22.31 7.37 -7.20
CA TYR B 108 -21.57 6.16 -6.98
C TYR B 108 -20.91 5.78 -8.26
N PHE B 109 -19.84 5.07 -7.98
CA PHE B 109 -18.91 4.70 -8.98
C PHE B 109 -19.02 3.24 -9.35
N ASP B 110 -19.58 2.93 -10.52
CA ASP B 110 -19.81 1.54 -10.75
C ASP B 110 -18.77 0.78 -11.49
N TYR B 111 -17.89 1.44 -12.23
CA TYR B 111 -16.84 0.79 -13.02
C TYR B 111 -15.67 1.64 -12.74
N TRP B 112 -14.50 1.00 -12.49
CA TRP B 112 -13.23 1.66 -12.23
C TRP B 112 -12.08 1.19 -13.17
N GLY B 113 -11.18 2.07 -13.51
CA GLY B 113 -10.01 1.80 -14.27
C GLY B 113 -8.93 1.40 -13.28
N GLN B 114 -7.78 0.98 -13.81
CA GLN B 114 -6.77 0.36 -12.99
C GLN B 114 -5.86 1.36 -12.37
N GLY B 115 -5.87 2.62 -12.79
CA GLY B 115 -5.03 3.60 -12.15
C GLY B 115 -3.84 4.08 -12.97
N ALA B 116 -3.51 5.37 -12.86
CA ALA B 116 -2.31 6.00 -13.40
C ALA B 116 -1.66 6.65 -12.20
N THR B 117 -0.37 6.33 -11.97
CA THR B 117 0.40 6.84 -10.84
C THR B 117 1.06 8.13 -11.21
N LEU B 118 0.92 9.20 -10.45
CA LEU B 118 1.62 10.40 -10.73
C LEU B 118 2.39 10.74 -9.46
N ILE B 119 3.70 11.01 -9.58
CA ILE B 119 4.62 11.35 -8.49
C ILE B 119 5.05 12.79 -8.74
N VAL B 120 4.92 13.61 -7.69
CA VAL B 120 5.33 14.98 -7.66
C VAL B 120 6.40 15.01 -6.58
N SER B 121 7.66 15.15 -7.01
CA SER B 121 8.85 15.14 -6.19
C SER B 121 9.91 15.89 -6.95
N SER B 122 10.69 16.63 -6.16
CA SER B 122 11.81 17.38 -6.71
C SER B 122 13.01 16.49 -7.05
N ALA B 123 13.09 15.29 -6.39
CA ALA B 123 14.17 14.30 -6.51
C ALA B 123 14.39 13.86 -7.93
N SER B 124 15.57 13.35 -8.31
CA SER B 124 15.71 12.93 -9.69
C SER B 124 16.08 11.47 -9.63
N THR B 125 15.63 10.81 -10.72
CA THR B 125 15.85 9.43 -11.07
C THR B 125 17.26 9.01 -10.71
N LYS B 126 17.41 7.95 -9.93
CA LYS B 126 18.69 7.50 -9.37
C LYS B 126 18.53 6.01 -9.15
N GLY B 127 19.54 5.30 -9.60
CA GLY B 127 19.59 3.90 -9.38
C GLY B 127 20.08 3.67 -7.97
N PRO B 128 19.80 2.53 -7.34
CA PRO B 128 20.21 2.24 -5.98
C PRO B 128 21.66 1.91 -5.69
N SER B 129 21.96 2.04 -4.40
CA SER B 129 23.17 1.49 -3.89
C SER B 129 22.70 0.19 -3.24
N VAL B 130 23.23 -0.94 -3.61
CA VAL B 130 22.84 -2.21 -3.03
C VAL B 130 23.92 -2.56 -1.98
N PHE B 131 23.65 -3.14 -0.83
CA PHE B 131 24.67 -3.52 0.11
C PHE B 131 24.19 -4.82 0.76
N PRO B 132 25.10 -5.77 0.97
CA PRO B 132 24.83 -7.10 1.55
C PRO B 132 24.31 -7.14 2.97
N LEU B 133 23.46 -8.10 3.37
CA LEU B 133 23.04 -8.13 4.76
C LEU B 133 23.51 -9.49 5.14
N ALA B 134 24.40 -9.49 6.11
CA ALA B 134 25.14 -10.69 6.42
C ALA B 134 24.94 -11.51 7.71
N PRO B 135 24.93 -12.84 7.51
CA PRO B 135 24.39 -13.86 8.42
C PRO B 135 25.07 -14.36 9.71
N SER B 136 26.40 -14.36 9.61
CA SER B 136 27.37 -15.01 10.52
C SER B 136 27.42 -16.49 10.13
N SER B 137 28.56 -17.19 10.26
CA SER B 137 28.60 -18.61 9.99
C SER B 137 27.67 -19.29 11.02
N LYS B 138 26.98 -20.37 10.64
CA LYS B 138 26.05 -21.16 11.48
C LYS B 138 25.12 -20.38 12.40
N SER B 139 24.68 -19.43 11.57
CA SER B 139 23.88 -18.29 11.86
C SER B 139 22.92 -18.25 13.02
N THR B 140 22.58 -16.97 13.12
CA THR B 140 21.62 -16.40 14.02
C THR B 140 20.49 -17.33 14.58
N SER B 141 19.97 -18.43 13.98
CA SER B 141 18.95 -19.28 14.60
C SER B 141 19.44 -20.74 14.81
N GLY B 142 20.75 -20.94 15.02
CA GLY B 142 21.37 -22.25 15.21
C GLY B 142 21.42 -23.06 13.91
N GLY B 143 20.27 -23.66 13.57
CA GLY B 143 20.15 -24.52 12.41
C GLY B 143 19.77 -23.80 11.12
N THR B 144 19.38 -22.52 11.25
CA THR B 144 18.96 -21.69 10.12
C THR B 144 19.44 -20.22 10.19
N ALA B 145 19.82 -19.85 8.98
CA ALA B 145 20.47 -18.62 8.59
C ALA B 145 19.60 -17.53 7.96
N ALA B 146 20.04 -16.28 8.08
CA ALA B 146 19.35 -15.22 7.38
C ALA B 146 20.34 -14.29 6.71
N LEU B 147 20.20 -13.91 5.44
CA LEU B 147 21.06 -12.96 4.73
C LEU B 147 20.21 -12.10 3.83
N GLY B 148 20.56 -10.91 3.38
CA GLY B 148 19.64 -10.18 2.54
C GLY B 148 20.36 -9.14 1.73
N CYS B 149 19.66 -8.33 0.97
CA CYS B 149 20.22 -7.22 0.21
C CYS B 149 19.46 -6.01 0.64
N LEU B 150 20.17 -4.94 1.03
CA LEU B 150 19.61 -3.64 1.37
C LEU B 150 19.75 -2.83 0.08
N VAL B 151 18.67 -2.58 -0.68
CA VAL B 151 18.80 -1.77 -1.88
C VAL B 151 18.21 -0.44 -1.39
N LYS B 152 19.18 0.46 -1.19
CA LYS B 152 18.97 1.76 -0.61
C LYS B 152 19.15 2.93 -1.59
N ASP B 153 18.44 4.02 -1.37
CA ASP B 153 18.60 5.29 -2.07
C ASP B 153 18.42 5.41 -3.55
N TYR B 154 17.22 5.18 -4.02
CA TYR B 154 16.89 5.25 -5.42
C TYR B 154 15.64 6.08 -5.57
N PHE B 155 15.25 6.27 -6.81
CA PHE B 155 14.08 7.03 -7.13
C PHE B 155 13.77 7.00 -8.66
N PRO B 156 12.54 6.86 -9.20
CA PRO B 156 11.34 6.53 -8.48
C PRO B 156 11.36 5.04 -8.23
N GLU B 157 10.22 4.60 -7.72
CA GLU B 157 9.94 3.20 -7.56
C GLU B 157 9.54 2.76 -8.97
N PRO B 158 9.65 1.47 -9.33
CA PRO B 158 10.19 0.39 -8.50
C PRO B 158 11.53 -0.23 -8.83
N VAL B 159 12.09 -0.92 -7.82
CA VAL B 159 13.25 -1.78 -7.98
C VAL B 159 12.71 -3.20 -7.99
N THR B 160 13.28 -4.19 -8.64
CA THR B 160 12.79 -5.55 -8.54
C THR B 160 13.91 -6.48 -8.11
N VAL B 161 13.73 -7.26 -7.03
CA VAL B 161 14.74 -8.16 -6.48
C VAL B 161 14.41 -9.61 -6.85
N SER B 162 15.44 -10.45 -6.95
CA SER B 162 15.45 -11.89 -7.21
C SER B 162 16.66 -12.46 -6.48
N TRP B 163 16.92 -13.78 -6.54
CA TRP B 163 18.05 -14.41 -5.86
C TRP B 163 18.52 -15.78 -6.44
N ASN B 164 17.51 -16.63 -6.11
CA ASN B 164 17.44 -18.11 -6.21
C ASN B 164 16.07 -18.47 -6.80
N SER B 165 16.09 -18.40 -8.13
CA SER B 165 14.98 -18.83 -8.95
C SER B 165 15.18 -20.35 -8.76
N GLY B 166 14.24 -21.03 -8.07
CA GLY B 166 14.32 -22.47 -7.80
C GLY B 166 13.25 -22.94 -6.82
N ALA B 167 13.65 -23.86 -5.94
CA ALA B 167 12.76 -24.41 -4.92
C ALA B 167 13.52 -24.28 -3.62
N LEU B 168 13.00 -24.87 -2.53
CA LEU B 168 13.50 -24.79 -1.16
C LEU B 168 14.51 -23.73 -0.70
N THR B 169 13.93 -23.24 0.40
CA THR B 169 14.28 -22.03 1.14
C THR B 169 14.51 -20.79 0.24
N SER B 170 13.49 -20.77 -0.69
CA SER B 170 13.16 -19.66 -1.56
C SER B 170 12.10 -18.97 -0.72
N GLY B 171 12.47 -18.66 0.54
CA GLY B 171 11.62 -17.98 1.47
C GLY B 171 12.11 -16.56 1.46
N VAL B 172 11.95 -15.91 0.30
CA VAL B 172 12.36 -14.53 0.05
C VAL B 172 11.27 -13.64 0.62
N HIS B 173 11.66 -12.55 1.25
CA HIS B 173 10.73 -11.62 1.83
C HIS B 173 11.36 -10.33 1.36
N THR B 174 10.72 -9.65 0.41
CA THR B 174 11.12 -8.32 -0.06
C THR B 174 10.11 -7.36 0.63
N PHE B 175 10.65 -6.47 1.45
CA PHE B 175 9.80 -5.58 2.22
C PHE B 175 9.38 -4.45 1.33
N PRO B 176 8.16 -3.90 1.44
CA PRO B 176 7.78 -2.61 0.86
C PRO B 176 8.86 -1.50 0.91
N ALA B 177 9.11 -0.68 -0.13
CA ALA B 177 10.09 0.40 -0.07
C ALA B 177 9.69 1.45 0.95
N VAL B 178 10.55 2.07 1.77
CA VAL B 178 10.07 3.12 2.68
C VAL B 178 10.72 4.40 2.17
N LEU B 179 9.93 5.47 2.04
CA LEU B 179 10.50 6.72 1.60
C LEU B 179 11.33 7.25 2.74
N GLN B 180 12.60 7.48 2.48
CA GLN B 180 13.44 8.04 3.51
C GLN B 180 13.25 9.53 3.23
N SER B 181 13.89 10.52 3.84
CA SER B 181 13.87 11.86 3.25
C SER B 181 14.56 11.92 1.85
N GLY B 182 13.60 11.82 0.91
CA GLY B 182 13.80 11.98 -0.52
C GLY B 182 13.63 10.72 -1.35
N LEU B 183 14.38 9.68 -0.98
CA LEU B 183 14.53 8.49 -1.80
C LEU B 183 14.13 7.26 -1.05
N TYR B 184 13.70 6.30 -1.83
CA TYR B 184 13.23 5.07 -1.21
C TYR B 184 14.31 4.10 -0.72
N SER B 185 13.97 3.15 0.15
CA SER B 185 14.92 2.13 0.63
C SER B 185 14.22 0.79 0.93
N LEU B 186 14.52 -0.38 0.33
CA LEU B 186 13.91 -1.66 0.71
C LEU B 186 14.91 -2.76 1.03
N SER B 187 14.53 -3.93 1.51
CA SER B 187 15.45 -5.00 1.78
C SER B 187 14.82 -6.21 1.19
N SER B 188 15.61 -7.18 0.75
CA SER B 188 15.08 -8.47 0.34
C SER B 188 15.84 -9.44 1.26
N VAL B 189 15.24 -10.27 2.14
CA VAL B 189 16.00 -11.24 2.90
C VAL B 189 15.43 -12.60 2.45
N VAL B 190 16.28 -13.64 2.40
CA VAL B 190 15.84 -14.99 2.16
C VAL B 190 16.27 -15.78 3.42
N THR B 191 15.60 -16.86 3.81
CA THR B 191 15.91 -17.62 5.02
C THR B 191 16.34 -18.91 4.40
N VAL B 192 17.55 -19.28 4.75
CA VAL B 192 18.10 -20.52 4.26
C VAL B 192 18.67 -21.21 5.49
N PRO B 193 18.73 -22.53 5.61
CA PRO B 193 19.46 -23.19 6.68
C PRO B 193 20.94 -22.75 6.79
N SER B 194 21.48 -22.75 8.01
CA SER B 194 22.86 -22.37 8.24
C SER B 194 23.84 -23.23 7.42
N SER B 195 23.41 -24.47 7.04
CA SER B 195 24.16 -25.46 6.23
C SER B 195 24.71 -24.96 4.86
N SER B 196 23.98 -23.99 4.35
CA SER B 196 24.21 -23.41 3.08
C SER B 196 25.38 -22.49 3.01
N LEU B 197 25.47 -21.62 4.00
CA LEU B 197 26.45 -20.54 4.05
C LEU B 197 27.89 -21.01 3.82
N GLY B 198 28.64 -20.41 2.89
CA GLY B 198 30.05 -20.77 2.70
C GLY B 198 30.17 -21.98 1.78
N THR B 199 29.32 -22.98 2.03
CA THR B 199 29.12 -24.16 1.21
C THR B 199 28.69 -23.73 -0.20
N GLN B 200 27.66 -22.90 -0.34
CA GLN B 200 27.28 -22.40 -1.65
C GLN B 200 26.81 -20.95 -1.60
N THR B 201 26.85 -20.28 -2.75
CA THR B 201 26.69 -18.86 -2.92
C THR B 201 25.31 -18.36 -3.34
N TYR B 202 24.90 -17.30 -2.65
CA TYR B 202 23.62 -16.61 -2.80
C TYR B 202 23.72 -15.28 -3.55
N ILE B 203 23.07 -14.83 -4.63
CA ILE B 203 23.32 -13.50 -5.16
C ILE B 203 21.95 -12.85 -5.18
N CYS B 204 21.76 -11.56 -4.91
CA CYS B 204 20.46 -10.93 -5.10
C CYS B 204 20.59 -10.07 -6.34
N ASN B 205 19.55 -10.07 -7.12
CA ASN B 205 19.63 -9.41 -8.41
C ASN B 205 18.72 -8.21 -8.31
N VAL B 206 19.22 -6.98 -8.19
CA VAL B 206 18.41 -5.79 -8.15
C VAL B 206 18.38 -5.23 -9.57
N ASN B 207 17.31 -4.54 -9.87
CA ASN B 207 17.11 -3.97 -11.15
C ASN B 207 16.16 -2.77 -10.99
N HIS B 208 16.37 -1.61 -11.57
CA HIS B 208 15.45 -0.48 -11.52
C HIS B 208 15.54 0.14 -12.90
N LYS B 209 14.57 -0.03 -13.82
CA LYS B 209 14.65 0.54 -15.19
C LYS B 209 14.73 2.06 -15.53
N PRO B 210 14.36 3.05 -14.69
CA PRO B 210 15.00 4.40 -14.71
C PRO B 210 16.51 4.27 -14.30
N SER B 211 17.25 3.53 -15.14
CA SER B 211 18.39 2.77 -14.71
C SER B 211 19.13 2.74 -13.36
N ASN B 212 19.67 1.46 -13.54
CA ASN B 212 20.66 0.66 -12.84
C ASN B 212 20.34 -0.83 -13.04
N THR B 213 21.30 -1.79 -13.06
CA THR B 213 21.07 -3.23 -12.89
C THR B 213 22.24 -3.75 -12.08
N LYS B 214 22.02 -4.26 -10.92
CA LYS B 214 23.08 -4.59 -10.02
C LYS B 214 22.70 -5.99 -9.57
N VAL B 215 23.60 -6.97 -9.68
CA VAL B 215 23.32 -8.32 -9.24
C VAL B 215 24.52 -8.58 -8.32
N ASP B 216 24.41 -8.99 -7.04
CA ASP B 216 25.55 -9.21 -6.16
C ASP B 216 25.32 -10.10 -4.93
N LYS B 217 26.39 -10.37 -4.18
CA LYS B 217 26.47 -10.87 -2.81
C LYS B 217 27.91 -11.26 -2.74
#